data_7XGN
#
_entry.id   7XGN
#
_cell.length_a   119.208
_cell.length_b   150.973
_cell.length_c   55.090
_cell.angle_alpha   90.000
_cell.angle_beta   90.000
_cell.angle_gamma   90.000
#
_symmetry.space_group_name_H-M   'P 21 21 2'
#
loop_
_entity.id
_entity.type
_entity.pdbx_description
1 polymer 'Quinolinate Phosphoribosyl Transferase'
2 non-polymer 'SULFATE ION'
3 non-polymer 'CHLORIDE ION'
4 non-polymer 'NICOTINIC ACID'
5 water water
#
_entity_poly.entity_id   1
_entity_poly.type   'polypeptide(L)'
_entity_poly.pdbx_seq_one_letter_code
;MIAEAWSPATDERLRAAGIDAEDARRVVVTALEEDLRYGADVTSDATVPADAVTEAVVASRQPGVLAGLPVALAVLDLVT
GGRFEVAECRADGDRLGPGDVALRVTAATRELLVAERTMLNLLCHLSGVATLTARWNDALAGTHCKVRDSRKTLPGLRLL
EKYAVRRGGGQNHRLGLGDAILIKDNHIVAGGSAGAALQAARAHTPGLPCEVEVTTLAELDEVLALGADEVMLDNFTVEQ
CVEAVRRRDAARTRTRLEASGGLTLDVAAAYARTGVDLLAVGALTHSAPALDLGLDFAPRTEGDVRQR
;
_entity_poly.pdbx_strand_id   A,B
#
# COMPACT_ATOMS: atom_id res chain seq x y z
N ALA A 3 -17.58 -18.05 0.46
CA ALA A 3 -19.05 -18.05 0.41
C ALA A 3 -19.64 -17.09 -0.64
N GLU A 4 -19.29 -17.30 -1.93
CA GLU A 4 -19.92 -16.68 -3.10
C GLU A 4 -19.79 -15.15 -3.18
N ALA A 5 -20.91 -14.45 -3.01
CA ALA A 5 -20.98 -12.99 -2.93
C ALA A 5 -21.86 -12.60 -1.75
N TRP A 6 -21.94 -11.31 -1.47
CA TRP A 6 -22.63 -10.85 -0.27
C TRP A 6 -24.04 -10.35 -0.57
N SER A 7 -24.77 -10.03 0.50
CA SER A 7 -26.18 -9.70 0.43
C SER A 7 -26.41 -8.36 -0.26
N PRO A 8 -27.59 -8.13 -0.81
CA PRO A 8 -27.90 -6.80 -1.36
C PRO A 8 -27.85 -5.69 -0.31
N ALA A 9 -28.14 -6.00 0.96
CA ALA A 9 -28.01 -4.99 2.01
C ALA A 9 -26.62 -4.39 2.03
N THR A 10 -25.59 -5.24 1.93
CA THR A 10 -24.22 -4.76 1.90
C THR A 10 -23.96 -3.85 0.71
N ASP A 11 -24.51 -4.19 -0.45
CA ASP A 11 -24.34 -3.34 -1.63
C ASP A 11 -24.95 -1.96 -1.41
N GLU A 12 -26.18 -1.90 -0.89
CA GLU A 12 -26.78 -0.61 -0.61
C GLU A 12 -25.94 0.19 0.38
N ARG A 13 -25.36 -0.49 1.38
CA ARG A 13 -24.48 0.20 2.31
C ARG A 13 -23.25 0.76 1.61
N LEU A 14 -22.67 -0.01 0.67
CA LEU A 14 -21.48 0.44 -0.05
C LEU A 14 -21.80 1.59 -1.00
N ARG A 15 -22.89 1.49 -1.75
CA ARG A 15 -23.29 2.58 -2.64
C ARG A 15 -23.64 3.83 -1.85
N ALA A 16 -24.35 3.67 -0.73
CA ALA A 16 -24.63 4.80 0.14
C ALA A 16 -23.35 5.55 0.54
N ALA A 17 -22.25 4.83 0.72
CA ALA A 17 -20.98 5.46 1.07
C ALA A 17 -20.22 6.00 -0.13
N GLY A 18 -20.68 5.73 -1.36
CA GLY A 18 -19.90 6.14 -2.52
C GLY A 18 -18.75 5.23 -2.84
N ILE A 19 -18.79 3.99 -2.35
CA ILE A 19 -17.80 2.97 -2.70
C ILE A 19 -18.33 2.17 -3.88
N ASP A 20 -17.52 2.08 -4.94
CA ASP A 20 -17.80 1.21 -6.06
C ASP A 20 -17.93 -0.24 -5.59
N ALA A 21 -19.16 -0.78 -5.58
CA ALA A 21 -19.38 -2.08 -4.95
C ALA A 21 -18.75 -3.23 -5.74
N GLU A 22 -18.69 -3.13 -7.07
CA GLU A 22 -18.09 -4.19 -7.88
C GLU A 22 -16.59 -4.28 -7.63
N ASP A 23 -15.91 -3.13 -7.65
CA ASP A 23 -14.49 -3.12 -7.37
C ASP A 23 -14.21 -3.53 -5.92
N ALA A 24 -15.12 -3.20 -4.99
CA ALA A 24 -14.92 -3.60 -3.60
C ALA A 24 -15.08 -5.10 -3.43
N ARG A 25 -15.98 -5.71 -4.18
CA ARG A 25 -16.07 -7.16 -4.15
C ARG A 25 -14.78 -7.80 -4.62
N ARG A 26 -14.16 -7.25 -5.67
CA ARG A 26 -12.95 -7.86 -6.21
C ARG A 26 -11.81 -7.75 -5.22
N VAL A 27 -11.68 -6.61 -4.53
CA VAL A 27 -10.61 -6.49 -3.54
C VAL A 27 -10.85 -7.44 -2.39
N VAL A 28 -12.09 -7.49 -1.88
CA VAL A 28 -12.37 -8.29 -0.69
C VAL A 28 -12.14 -9.78 -0.99
N VAL A 29 -12.69 -10.27 -2.09
CA VAL A 29 -12.53 -11.69 -2.39
C VAL A 29 -11.06 -12.04 -2.62
N THR A 30 -10.34 -11.20 -3.36
CA THR A 30 -8.91 -11.41 -3.54
C THR A 30 -8.17 -11.46 -2.21
N ALA A 31 -8.50 -10.54 -1.30
CA ALA A 31 -7.83 -10.48 -0.01
C ALA A 31 -8.05 -11.75 0.80
N LEU A 32 -9.27 -12.26 0.82
CA LEU A 32 -9.55 -13.50 1.56
C LEU A 32 -8.88 -14.69 0.92
N GLU A 33 -8.82 -14.74 -0.42
CA GLU A 33 -8.12 -15.85 -1.07
C GLU A 33 -6.66 -15.90 -0.64
N GLU A 34 -5.96 -14.74 -0.57
CA GLU A 34 -4.57 -14.73 -0.10
C GLU A 34 -4.41 -15.34 1.28
N ASP A 35 -5.43 -15.27 2.14
CA ASP A 35 -5.30 -15.77 3.49
C ASP A 35 -5.74 -17.22 3.62
N LEU A 36 -6.60 -17.69 2.73
CA LEU A 36 -7.21 -19.00 2.90
C LEU A 36 -6.75 -20.02 1.89
N ARG A 37 -5.91 -19.64 0.92
CA ARG A 37 -5.53 -20.60 -0.11
C ARG A 37 -4.61 -21.70 0.40
N TYR A 38 -4.05 -21.57 1.59
CA TYR A 38 -3.27 -22.66 2.16
C TYR A 38 -4.08 -23.62 3.01
N GLY A 39 -5.38 -23.42 3.16
CA GLY A 39 -6.23 -24.25 3.98
C GLY A 39 -6.91 -23.48 5.08
N ALA A 40 -7.77 -24.19 5.82
CA ALA A 40 -8.55 -23.60 6.91
C ALA A 40 -7.63 -23.02 8.00
N ASP A 41 -8.24 -22.20 8.85
CA ASP A 41 -7.52 -21.55 9.94
C ASP A 41 -7.10 -22.59 10.99
N VAL A 42 -5.86 -23.08 10.89
CA VAL A 42 -5.43 -24.22 11.70
C VAL A 42 -5.39 -23.87 13.19
N THR A 43 -4.98 -22.65 13.52
CA THR A 43 -4.96 -22.21 14.92
C THR A 43 -6.35 -22.22 15.52
N SER A 44 -7.31 -21.56 14.87
CA SER A 44 -8.63 -21.38 15.45
C SER A 44 -9.34 -22.71 15.59
N ASP A 45 -9.24 -23.56 14.57
CA ASP A 45 -9.96 -24.82 14.59
C ASP A 45 -9.45 -25.73 15.71
N ALA A 46 -8.19 -25.56 16.11
CA ALA A 46 -7.65 -26.34 17.23
C ALA A 46 -7.99 -25.75 18.59
N THR A 47 -8.12 -24.43 18.71
CA THR A 47 -8.23 -23.74 20.00
C THR A 47 -9.60 -23.12 20.29
N VAL A 48 -10.47 -22.98 19.30
CA VAL A 48 -11.71 -22.25 19.47
C VAL A 48 -12.86 -23.18 19.10
N PRO A 49 -13.82 -23.42 19.99
CA PRO A 49 -14.98 -24.24 19.60
C PRO A 49 -15.69 -23.64 18.41
N ALA A 50 -16.14 -24.51 17.50
CA ALA A 50 -16.95 -24.10 16.36
C ALA A 50 -18.25 -23.44 16.83
N ASP A 51 -18.41 -23.38 18.14
CA ASP A 51 -19.63 -23.00 18.83
C ASP A 51 -19.65 -21.53 19.22
N ALA A 52 -18.49 -20.96 19.51
CA ALA A 52 -18.44 -19.72 20.25
C ALA A 52 -18.91 -18.55 19.38
N VAL A 53 -19.58 -17.60 20.02
CA VAL A 53 -19.73 -16.27 19.46
C VAL A 53 -19.10 -15.28 20.43
N THR A 54 -18.48 -14.25 19.89
CA THR A 54 -17.94 -13.20 20.73
C THR A 54 -18.45 -11.87 20.22
N GLU A 55 -18.40 -10.90 21.12
CA GLU A 55 -18.38 -9.51 20.72
C GLU A 55 -16.95 -9.11 20.45
N ALA A 56 -16.78 -8.18 19.51
CA ALA A 56 -15.47 -7.72 19.12
C ALA A 56 -15.53 -6.22 18.93
N VAL A 57 -14.44 -5.55 19.26
CA VAL A 57 -14.35 -4.11 19.17
C VAL A 57 -13.18 -3.78 18.26
N VAL A 58 -13.44 -3.00 17.21
CA VAL A 58 -12.37 -2.38 16.43
C VAL A 58 -12.10 -1.03 17.06
N ALA A 59 -10.87 -0.82 17.52
CA ALA A 59 -10.47 0.41 18.18
C ALA A 59 -9.12 0.90 17.64
N SER A 60 -8.93 2.22 17.67
CA SER A 60 -7.67 2.80 17.23
C SER A 60 -6.70 2.96 18.40
N ARG A 61 -5.45 2.66 18.14
CA ARG A 61 -4.37 2.85 19.10
C ARG A 61 -3.68 4.21 18.93
N GLN A 62 -4.08 5.00 17.95
CA GLN A 62 -3.46 6.29 17.72
C GLN A 62 -4.48 7.16 17.00
N PRO A 63 -4.22 8.46 16.89
CA PRO A 63 -5.26 9.35 16.38
C PRO A 63 -5.16 9.58 14.88
N GLY A 64 -6.33 9.63 14.23
CA GLY A 64 -6.39 9.94 12.82
C GLY A 64 -7.81 9.93 12.29
N VAL A 65 -7.99 9.66 11.00
CA VAL A 65 -9.29 9.67 10.36
C VAL A 65 -9.64 8.26 9.91
N LEU A 66 -10.92 7.92 10.03
CA LEU A 66 -11.41 6.59 9.75
C LEU A 66 -11.89 6.48 8.31
N ALA A 67 -11.48 5.42 7.61
CA ALA A 67 -12.04 5.13 6.29
C ALA A 67 -11.98 3.64 6.04
N GLY A 68 -12.97 3.12 5.32
CA GLY A 68 -13.01 1.71 4.99
C GLY A 68 -13.99 0.88 5.79
N LEU A 69 -14.73 1.49 6.72
CA LEU A 69 -15.61 0.70 7.58
C LEU A 69 -16.71 -0.04 6.81
N PRO A 70 -17.37 0.53 5.79
CA PRO A 70 -18.32 -0.29 5.02
C PRO A 70 -17.67 -1.47 4.31
N VAL A 71 -16.44 -1.31 3.81
CA VAL A 71 -15.77 -2.42 3.15
C VAL A 71 -15.39 -3.50 4.16
N ALA A 72 -14.92 -3.10 5.34
CA ALA A 72 -14.59 -4.10 6.36
C ALA A 72 -15.83 -4.87 6.79
N LEU A 73 -16.97 -4.19 6.94
CA LEU A 73 -18.22 -4.90 7.23
C LEU A 73 -18.64 -5.79 6.08
N ALA A 74 -18.31 -5.42 4.84
CA ALA A 74 -18.57 -6.33 3.72
C ALA A 74 -17.76 -7.62 3.84
N VAL A 75 -16.51 -7.53 4.26
CA VAL A 75 -15.69 -8.72 4.51
C VAL A 75 -16.41 -9.63 5.50
N LEU A 76 -16.88 -9.06 6.60
CA LEU A 76 -17.52 -9.85 7.64
C LEU A 76 -18.82 -10.44 7.15
N ASP A 77 -19.59 -9.65 6.40
CA ASP A 77 -20.82 -10.16 5.80
C ASP A 77 -20.54 -11.38 4.94
N LEU A 78 -19.54 -11.29 4.06
CA LEU A 78 -19.19 -12.42 3.21
C LEU A 78 -18.80 -13.64 4.04
N VAL A 79 -17.94 -13.45 5.03
CA VAL A 79 -17.38 -14.57 5.78
C VAL A 79 -18.44 -15.24 6.66
N THR A 80 -19.31 -14.45 7.28
CA THR A 80 -20.37 -15.01 8.13
C THR A 80 -21.62 -15.38 7.35
N GLY A 81 -21.67 -15.10 6.05
CA GLY A 81 -22.91 -15.30 5.33
C GLY A 81 -24.04 -14.47 5.89
N GLY A 82 -23.77 -13.24 6.28
CA GLY A 82 -24.80 -12.39 6.84
C GLY A 82 -25.11 -12.61 8.30
N ARG A 83 -24.55 -13.64 8.94
CA ARG A 83 -24.89 -13.94 10.34
C ARG A 83 -23.93 -13.19 11.27
N PHE A 84 -24.22 -11.90 11.45
CA PHE A 84 -23.50 -11.04 12.39
C PHE A 84 -24.44 -9.88 12.76
N GLU A 85 -24.09 -9.15 13.82
CA GLU A 85 -24.87 -7.98 14.19
C GLU A 85 -23.97 -6.90 14.80
N VAL A 86 -24.36 -5.65 14.56
CA VAL A 86 -23.53 -4.48 14.85
C VAL A 86 -24.17 -3.70 15.98
N ALA A 87 -23.38 -3.37 17.00
CA ALA A 87 -23.89 -2.65 18.14
C ALA A 87 -23.68 -1.16 18.04
N GLU A 88 -22.75 -0.75 17.19
CA GLU A 88 -22.16 0.56 17.30
C GLU A 88 -21.19 0.73 16.16
N CYS A 89 -21.25 1.87 15.47
CA CYS A 89 -20.25 2.14 14.45
C CYS A 89 -20.10 3.64 14.29
N ARG A 90 -18.89 4.05 13.95
CA ARG A 90 -18.61 5.38 13.45
C ARG A 90 -18.70 5.41 11.93
N ALA A 91 -18.69 6.62 11.39
CA ALA A 91 -18.76 6.80 9.96
C ALA A 91 -17.38 7.16 9.42
N ASP A 92 -17.08 6.67 8.23
CA ASP A 92 -15.90 7.14 7.53
C ASP A 92 -15.89 8.66 7.48
N GLY A 93 -14.73 9.23 7.78
CA GLY A 93 -14.56 10.66 7.92
C GLY A 93 -14.39 11.10 9.36
N ASP A 94 -14.97 10.34 10.30
CA ASP A 94 -14.89 10.69 11.71
C ASP A 94 -13.45 10.62 12.20
N ARG A 95 -13.08 11.57 13.06
CA ARG A 95 -11.81 11.49 13.75
C ARG A 95 -11.91 10.55 14.95
N LEU A 96 -10.80 9.89 15.25
CA LEU A 96 -10.69 8.97 16.37
C LEU A 96 -9.44 9.32 17.15
N GLY A 97 -9.57 9.43 18.47
CA GLY A 97 -8.42 9.49 19.32
C GLY A 97 -8.03 8.08 19.71
N PRO A 98 -6.91 7.92 20.41
CA PRO A 98 -6.59 6.59 20.95
C PRO A 98 -7.72 6.09 21.84
N GLY A 99 -8.04 4.81 21.69
CA GLY A 99 -9.08 4.19 22.47
C GLY A 99 -10.46 4.22 21.85
N ASP A 100 -10.73 5.14 20.93
CA ASP A 100 -12.08 5.26 20.37
C ASP A 100 -12.48 3.99 19.63
N VAL A 101 -13.77 3.71 19.66
CA VAL A 101 -14.32 2.48 19.10
C VAL A 101 -14.96 2.81 17.76
N ALA A 102 -14.38 2.27 16.69
CA ALA A 102 -14.97 2.45 15.37
C ALA A 102 -16.11 1.50 15.12
N LEU A 103 -16.16 0.36 15.82
CA LEU A 103 -17.09 -0.69 15.49
C LEU A 103 -17.17 -1.67 16.65
N ARG A 104 -18.38 -2.13 16.93
CA ARG A 104 -18.58 -3.23 17.87
C ARG A 104 -19.55 -4.21 17.22
N VAL A 105 -19.11 -5.46 17.05
CA VAL A 105 -19.88 -6.47 16.35
C VAL A 105 -19.92 -7.75 17.17
N THR A 106 -20.85 -8.61 16.81
CA THR A 106 -20.98 -9.94 17.39
C THR A 106 -21.10 -10.93 16.24
N ALA A 107 -20.35 -12.01 16.32
CA ALA A 107 -20.46 -13.07 15.31
C ALA A 107 -19.80 -14.32 15.85
N ALA A 108 -19.91 -15.39 15.09
CA ALA A 108 -19.15 -16.61 15.35
C ALA A 108 -17.69 -16.28 15.59
N THR A 109 -17.12 -16.81 16.68
CA THR A 109 -15.73 -16.52 17.00
C THR A 109 -14.79 -16.97 15.89
N ARG A 110 -15.05 -18.12 15.29
CA ARG A 110 -14.15 -18.61 14.25
C ARG A 110 -14.23 -17.75 13.00
N GLU A 111 -15.41 -17.27 12.65
CA GLU A 111 -15.51 -16.40 11.49
C GLU A 111 -14.91 -15.04 11.76
N LEU A 112 -14.93 -14.57 13.02
CA LEU A 112 -14.24 -13.33 13.33
C LEU A 112 -12.73 -13.49 13.18
N LEU A 113 -12.18 -14.61 13.66
CA LEU A 113 -10.75 -14.84 13.55
C LEU A 113 -10.29 -14.93 12.09
N VAL A 114 -11.17 -15.38 11.18
CA VAL A 114 -10.83 -15.48 9.76
C VAL A 114 -10.89 -14.11 9.09
N ALA A 115 -11.91 -13.32 9.39
CA ALA A 115 -12.05 -12.02 8.76
C ALA A 115 -11.07 -10.99 9.33
N GLU A 116 -10.68 -11.12 10.59
CA GLU A 116 -9.95 -10.06 11.30
C GLU A 116 -8.85 -9.39 10.48
N ARG A 117 -7.84 -10.16 10.07
CA ARG A 117 -6.68 -9.59 9.41
C ARG A 117 -7.05 -8.94 8.08
N THR A 118 -7.92 -9.56 7.31
CA THR A 118 -8.38 -8.93 6.08
C THR A 118 -9.14 -7.62 6.38
N MET A 119 -10.03 -7.61 7.37
CA MET A 119 -10.73 -6.35 7.68
C MET A 119 -9.75 -5.29 8.14
N LEU A 120 -8.77 -5.66 8.98
CA LEU A 120 -7.88 -4.64 9.53
C LEU A 120 -6.89 -4.14 8.50
N ASN A 121 -6.43 -4.97 7.58
CA ASN A 121 -5.50 -4.48 6.56
C ASN A 121 -6.14 -3.40 5.70
N LEU A 122 -7.41 -3.59 5.33
CA LEU A 122 -8.14 -2.56 4.61
C LEU A 122 -8.31 -1.32 5.47
N LEU A 123 -8.95 -1.48 6.62
CA LEU A 123 -9.19 -0.37 7.54
C LEU A 123 -7.92 0.41 7.82
N CYS A 124 -6.82 -0.28 8.13
CA CYS A 124 -5.61 0.43 8.52
C CYS A 124 -4.99 1.15 7.33
N HIS A 125 -5.11 0.59 6.14
CA HIS A 125 -4.54 1.28 4.99
C HIS A 125 -5.41 2.44 4.52
N LEU A 126 -6.73 2.21 4.37
CA LEU A 126 -7.58 3.31 3.95
C LEU A 126 -7.60 4.41 5.00
N SER A 127 -7.64 4.05 6.29
CA SER A 127 -7.58 5.08 7.31
C SER A 127 -6.24 5.79 7.30
N GLY A 128 -5.16 5.08 7.01
CA GLY A 128 -3.87 5.77 6.92
C GLY A 128 -3.86 6.81 5.82
N VAL A 129 -4.49 6.50 4.69
CA VAL A 129 -4.61 7.43 3.57
C VAL A 129 -5.48 8.63 3.94
N ALA A 130 -6.65 8.37 4.53
CA ALA A 130 -7.48 9.49 4.96
C ALA A 130 -6.77 10.33 6.01
N THR A 131 -5.99 9.69 6.88
CA THR A 131 -5.34 10.44 7.95
C THR A 131 -4.27 11.37 7.38
N LEU A 132 -3.41 10.86 6.49
CA LEU A 132 -2.40 11.70 5.86
C LEU A 132 -3.04 12.82 5.04
N THR A 133 -4.03 12.48 4.22
CA THR A 133 -4.77 13.50 3.48
C THR A 133 -5.27 14.60 4.40
N ALA A 134 -5.78 14.25 5.58
CA ALA A 134 -6.27 15.29 6.48
C ALA A 134 -5.12 16.18 6.96
N ARG A 135 -3.95 15.60 7.28
CA ARG A 135 -2.79 16.40 7.69
C ARG A 135 -2.43 17.45 6.65
N TRP A 136 -2.44 17.06 5.37
CA TRP A 136 -2.15 18.01 4.29
C TRP A 136 -3.23 19.06 4.20
N ASN A 137 -4.48 18.64 4.23
CA ASN A 137 -5.58 19.59 4.15
C ASN A 137 -5.52 20.58 5.30
N ASP A 138 -5.00 20.15 6.45
CA ASP A 138 -4.93 21.07 7.58
C ASP A 138 -3.78 22.06 7.43
N ALA A 139 -2.68 21.67 6.80
CA ALA A 139 -1.63 22.63 6.49
C ALA A 139 -2.07 23.68 5.48
N LEU A 140 -3.28 23.53 4.95
CA LEU A 140 -3.84 24.41 3.93
C LEU A 140 -5.01 25.24 4.45
N ALA A 141 -5.26 25.19 5.76
CA ALA A 141 -6.25 26.11 6.33
C ALA A 141 -5.68 27.52 6.31
N GLY A 142 -6.58 28.49 6.31
CA GLY A 142 -6.22 29.88 6.12
C GLY A 142 -6.25 30.28 4.65
N THR A 143 -5.83 29.37 3.77
CA THR A 143 -5.81 29.62 2.34
C THR A 143 -7.03 28.99 1.67
N HIS A 144 -7.12 29.18 0.36
CA HIS A 144 -8.15 28.56 -0.47
C HIS A 144 -7.63 27.33 -1.21
N CYS A 145 -6.40 26.93 -0.94
CA CYS A 145 -5.80 25.77 -1.56
C CYS A 145 -6.49 24.47 -1.13
N LYS A 146 -6.44 23.48 -2.02
CA LYS A 146 -7.00 22.17 -1.80
C LYS A 146 -5.97 21.14 -2.26
N VAL A 147 -5.99 19.95 -1.67
CA VAL A 147 -5.01 18.92 -1.98
C VAL A 147 -5.67 17.85 -2.84
N ARG A 148 -4.89 17.31 -3.79
CA ARG A 148 -5.39 16.30 -4.70
C ARG A 148 -4.43 15.13 -4.78
N ASP A 149 -5.01 13.95 -5.04
CA ASP A 149 -4.24 12.75 -5.28
C ASP A 149 -3.74 12.65 -6.72
N SER A 150 -3.48 11.44 -7.18
CA SER A 150 -2.89 11.21 -8.49
C SER A 150 -3.16 9.77 -8.89
N ARG A 151 -2.44 9.29 -9.90
CA ARG A 151 -2.50 7.90 -10.29
C ARG A 151 -1.39 7.08 -9.66
N LYS A 152 -0.67 7.63 -8.70
CA LYS A 152 0.38 6.88 -8.01
C LYS A 152 -0.23 6.10 -6.84
N THR A 153 -1.23 5.30 -7.18
CA THR A 153 -1.90 4.42 -6.24
C THR A 153 -1.22 3.06 -6.23
N LEU A 154 -1.64 2.20 -5.31
CA LEU A 154 -1.10 0.86 -5.26
C LEU A 154 -1.92 -0.06 -6.16
N PRO A 155 -1.25 -0.95 -6.87
CA PRO A 155 -1.95 -1.80 -7.84
C PRO A 155 -3.13 -2.47 -7.19
N GLY A 156 -4.30 -2.33 -7.80
CA GLY A 156 -5.50 -2.97 -7.33
C GLY A 156 -6.37 -2.14 -6.41
N LEU A 157 -5.85 -1.05 -5.84
CA LEU A 157 -6.53 -0.33 -4.77
C LEU A 157 -6.93 1.09 -5.17
N ARG A 158 -6.96 1.42 -6.47
CA ARG A 158 -7.10 2.81 -6.86
C ARG A 158 -8.45 3.39 -6.43
N LEU A 159 -9.55 2.72 -6.75
CA LEU A 159 -10.84 3.31 -6.39
C LEU A 159 -11.02 3.42 -4.89
N LEU A 160 -10.51 2.47 -4.11
CA LEU A 160 -10.63 2.58 -2.66
C LEU A 160 -9.71 3.64 -2.07
N GLU A 161 -8.52 3.83 -2.65
CA GLU A 161 -7.65 4.89 -2.16
C GLU A 161 -8.21 6.26 -2.51
N LYS A 162 -8.82 6.39 -3.70
CA LYS A 162 -9.49 7.64 -4.05
C LYS A 162 -10.60 7.95 -3.04
N TYR A 163 -11.42 6.94 -2.73
CA TYR A 163 -12.43 7.09 -1.69
C TYR A 163 -11.82 7.60 -0.39
N ALA A 164 -10.73 6.99 0.07
CA ALA A 164 -10.13 7.37 1.32
C ALA A 164 -9.59 8.80 1.30
N VAL A 165 -9.12 9.27 0.14
CA VAL A 165 -8.68 10.66 0.03
C VAL A 165 -9.86 11.61 0.22
N ARG A 166 -11.01 11.25 -0.33
CA ARG A 166 -12.19 12.09 -0.15
C ARG A 166 -12.57 12.18 1.32
N ARG A 167 -12.61 11.04 2.02
CA ARG A 167 -12.87 11.05 3.45
C ARG A 167 -11.87 11.88 4.23
N GLY A 168 -10.69 12.16 3.67
CA GLY A 168 -9.73 12.94 4.40
C GLY A 168 -9.82 14.41 4.12
N GLY A 169 -10.81 14.83 3.35
CA GLY A 169 -10.89 16.20 2.90
C GLY A 169 -10.11 16.56 1.66
N GLY A 170 -9.73 15.57 0.83
CA GLY A 170 -8.99 15.81 -0.39
C GLY A 170 -9.87 15.64 -1.61
N GLN A 171 -9.33 16.04 -2.76
CA GLN A 171 -10.06 15.91 -4.01
C GLN A 171 -9.36 14.96 -4.96
N ASN A 172 -10.15 14.21 -5.72
CA ASN A 172 -9.59 13.27 -6.65
C ASN A 172 -9.12 13.98 -7.90
N HIS A 173 -8.03 13.48 -8.46
CA HIS A 173 -7.65 13.80 -9.82
C HIS A 173 -8.33 12.79 -10.74
N ARG A 174 -7.86 12.62 -11.96
CA ARG A 174 -8.52 11.68 -12.87
C ARG A 174 -8.32 10.24 -12.41
N LEU A 175 -9.15 9.35 -12.91
CA LEU A 175 -9.10 7.97 -12.45
C LEU A 175 -8.31 7.05 -13.38
N GLY A 176 -8.03 7.48 -14.60
CA GLY A 176 -7.33 6.65 -15.55
C GLY A 176 -6.84 7.46 -16.72
N LEU A 177 -6.28 6.77 -17.72
CA LEU A 177 -5.71 7.47 -18.86
C LEU A 177 -6.76 7.96 -19.84
N GLY A 178 -7.99 7.47 -19.74
CA GLY A 178 -9.00 7.81 -20.72
C GLY A 178 -10.10 8.74 -20.25
N ASP A 179 -10.12 9.15 -18.99
CA ASP A 179 -11.19 10.04 -18.54
C ASP A 179 -10.76 11.48 -18.41
N ALA A 180 -9.49 11.79 -18.64
CA ALA A 180 -9.06 13.18 -18.71
C ALA A 180 -7.72 13.25 -19.41
N ILE A 181 -7.43 14.42 -19.96
CA ILE A 181 -6.20 14.68 -20.67
C ILE A 181 -5.24 15.35 -19.70
N LEU A 182 -4.04 14.78 -19.56
CA LEU A 182 -2.98 15.44 -18.80
C LEU A 182 -1.70 15.34 -19.61
N ILE A 183 -1.29 16.46 -20.21
CA ILE A 183 -0.10 16.51 -21.06
C ILE A 183 1.12 16.65 -20.17
N LYS A 184 2.00 15.65 -20.19
CA LYS A 184 3.23 15.66 -19.42
C LYS A 184 4.43 15.99 -20.32
N ASP A 185 5.64 15.69 -19.85
CA ASP A 185 6.84 16.07 -20.58
C ASP A 185 7.05 15.21 -21.83
N ASN A 186 6.89 13.90 -21.71
CA ASN A 186 7.04 13.05 -22.89
C ASN A 186 6.08 13.46 -23.99
N HIS A 187 4.90 13.98 -23.62
CA HIS A 187 3.97 14.47 -24.62
C HIS A 187 4.46 15.76 -25.29
N ILE A 188 4.99 16.72 -24.50
CA ILE A 188 5.39 18.01 -25.09
C ILE A 188 6.63 17.84 -25.96
N VAL A 189 7.49 16.87 -25.63
CA VAL A 189 8.59 16.47 -26.50
C VAL A 189 8.05 16.20 -27.89
N ALA A 190 7.34 15.07 -28.04
CA ALA A 190 6.93 14.60 -29.36
C ALA A 190 6.02 15.61 -30.06
N GLY A 191 5.23 16.37 -29.30
CA GLY A 191 4.35 17.37 -29.89
C GLY A 191 5.09 18.59 -30.43
N GLY A 192 6.32 18.82 -29.97
CA GLY A 192 7.12 19.92 -30.46
C GLY A 192 7.17 21.06 -29.47
N SER A 193 5.99 21.49 -29.01
CA SER A 193 5.90 22.48 -27.97
C SER A 193 4.78 22.07 -27.02
N ALA A 194 4.61 22.84 -25.95
CA ALA A 194 3.48 22.61 -25.06
C ALA A 194 2.20 23.06 -25.71
N GLY A 195 2.26 24.16 -26.48
CA GLY A 195 1.06 24.65 -27.16
C GLY A 195 0.57 23.69 -28.22
N ALA A 196 1.48 23.09 -28.98
CA ALA A 196 1.07 22.13 -29.99
C ALA A 196 0.37 20.94 -29.36
N ALA A 197 0.90 20.45 -28.24
CA ALA A 197 0.28 19.36 -27.54
C ALA A 197 -1.09 19.76 -26.98
N LEU A 198 -1.19 20.97 -26.42
CA LEU A 198 -2.48 21.43 -25.90
C LEU A 198 -3.53 21.53 -26.99
N GLN A 199 -3.15 22.11 -28.15
CA GLN A 199 -4.11 22.20 -29.25
C GLN A 199 -4.44 20.84 -29.84
N ALA A 200 -3.47 19.93 -29.89
CA ALA A 200 -3.73 18.59 -30.40
C ALA A 200 -4.75 17.85 -29.55
N ALA A 201 -4.62 17.96 -28.22
CA ALA A 201 -5.54 17.26 -27.33
C ALA A 201 -6.92 17.88 -27.38
N ARG A 202 -6.99 19.21 -27.45
CA ARG A 202 -8.30 19.85 -27.54
C ARG A 202 -9.02 19.49 -28.83
N ALA A 203 -8.30 19.44 -29.95
CA ALA A 203 -8.94 19.03 -31.20
C ALA A 203 -9.34 17.56 -31.16
N HIS A 204 -8.47 16.71 -30.62
CA HIS A 204 -8.69 15.27 -30.72
C HIS A 204 -9.78 14.79 -29.77
N THR A 205 -9.93 15.40 -28.61
CA THR A 205 -10.93 14.98 -27.63
C THR A 205 -11.46 16.22 -26.92
N PRO A 206 -12.31 17.01 -27.61
CA PRO A 206 -12.81 18.25 -27.00
C PRO A 206 -13.77 18.03 -25.83
N GLY A 207 -14.32 16.81 -25.69
CA GLY A 207 -15.24 16.56 -24.59
C GLY A 207 -14.57 16.53 -23.23
N LEU A 208 -13.33 15.98 -23.15
CA LEU A 208 -12.72 15.67 -21.86
C LEU A 208 -12.20 16.92 -21.16
N PRO A 209 -12.13 16.89 -19.83
CA PRO A 209 -11.35 17.91 -19.12
C PRO A 209 -9.89 17.79 -19.47
N CYS A 210 -9.18 18.91 -19.39
CA CYS A 210 -7.83 18.99 -19.93
C CYS A 210 -6.91 19.80 -19.01
N GLU A 211 -5.71 19.27 -18.80
CA GLU A 211 -4.68 19.88 -17.98
C GLU A 211 -3.33 19.70 -18.67
N VAL A 212 -2.46 20.69 -18.56
CA VAL A 212 -1.13 20.57 -19.15
C VAL A 212 -0.10 20.80 -18.05
N GLU A 213 0.89 19.93 -17.98
CA GLU A 213 1.94 20.02 -16.99
C GLU A 213 3.14 20.71 -17.60
N VAL A 214 3.64 21.73 -16.92
CA VAL A 214 4.76 22.50 -17.46
C VAL A 214 5.92 22.45 -16.48
N THR A 215 7.12 22.60 -17.03
CA THR A 215 8.33 22.55 -16.24
C THR A 215 9.12 23.84 -16.28
N THR A 216 8.71 24.84 -17.05
CA THR A 216 9.39 26.11 -17.07
C THR A 216 8.38 27.23 -17.19
N LEU A 217 8.82 28.44 -16.84
CA LEU A 217 7.95 29.60 -16.95
C LEU A 217 7.68 29.96 -18.41
N ALA A 218 8.62 29.69 -19.30
CA ALA A 218 8.40 29.89 -20.74
C ALA A 218 7.23 29.04 -21.24
N GLU A 219 7.29 27.71 -21.05
CA GLU A 219 6.15 26.86 -21.38
C GLU A 219 4.88 27.34 -20.70
N LEU A 220 4.98 27.83 -19.48
CA LEU A 220 3.79 28.39 -18.84
C LEU A 220 3.23 29.54 -19.64
N ASP A 221 4.10 30.34 -20.28
CA ASP A 221 3.64 31.48 -21.08
C ASP A 221 2.90 31.03 -22.35
N GLU A 222 3.39 29.98 -23.02
CA GLU A 222 2.69 29.42 -24.17
C GLU A 222 1.24 29.07 -23.82
N VAL A 223 1.07 28.23 -22.80
CA VAL A 223 -0.24 27.64 -22.56
C VAL A 223 -1.18 28.69 -21.99
N LEU A 224 -0.65 29.69 -21.28
CA LEU A 224 -1.48 30.81 -20.85
C LEU A 224 -2.00 31.60 -22.06
N ALA A 225 -1.15 31.82 -23.07
CA ALA A 225 -1.58 32.49 -24.28
C ALA A 225 -2.68 31.68 -24.99
N LEU A 226 -2.57 30.37 -24.98
CA LEU A 226 -3.63 29.55 -25.56
C LEU A 226 -4.82 29.38 -24.62
N GLY A 227 -4.80 30.02 -23.45
CA GLY A 227 -5.96 29.98 -22.57
C GLY A 227 -6.32 28.61 -22.04
N ALA A 228 -5.31 27.88 -21.57
CA ALA A 228 -5.50 26.58 -20.95
C ALA A 228 -6.41 26.66 -19.72
N ASP A 229 -7.35 25.73 -19.62
CA ASP A 229 -8.22 25.68 -18.43
C ASP A 229 -7.41 25.45 -17.16
N GLU A 230 -6.45 24.51 -17.19
CA GLU A 230 -5.74 24.12 -15.99
C GLU A 230 -4.30 23.77 -16.32
N VAL A 231 -3.37 24.27 -15.50
CA VAL A 231 -1.94 24.04 -15.69
C VAL A 231 -1.37 23.43 -14.43
N MET A 232 -0.51 22.42 -14.60
CA MET A 232 0.20 21.83 -13.47
C MET A 232 1.65 22.28 -13.52
N LEU A 233 2.12 22.86 -12.40
CA LEU A 233 3.46 23.38 -12.27
C LEU A 233 4.33 22.28 -11.70
N ASP A 234 5.17 21.69 -12.52
CA ASP A 234 5.99 20.56 -12.13
C ASP A 234 7.29 21.06 -11.50
N ASN A 235 7.53 20.68 -10.24
CA ASN A 235 8.77 20.98 -9.53
C ASN A 235 9.14 22.46 -9.61
N PHE A 236 8.21 23.31 -9.21
CA PHE A 236 8.50 24.73 -9.06
C PHE A 236 8.89 25.02 -7.61
N THR A 237 9.92 25.84 -7.42
CA THR A 237 10.20 26.38 -6.10
C THR A 237 9.09 27.34 -5.70
N VAL A 238 9.13 27.78 -4.43
CA VAL A 238 8.07 28.66 -3.96
C VAL A 238 8.18 30.02 -4.64
N GLU A 239 9.39 30.46 -4.98
CA GLU A 239 9.54 31.72 -5.72
C GLU A 239 8.94 31.60 -7.12
N GLN A 240 9.23 30.49 -7.80
CA GLN A 240 8.70 30.29 -9.14
C GLN A 240 7.17 30.24 -9.12
N CYS A 241 6.58 29.62 -8.10
CA CYS A 241 5.12 29.62 -8.03
C CYS A 241 4.57 31.04 -7.92
N VAL A 242 5.23 31.90 -7.12
CA VAL A 242 4.77 33.28 -7.01
C VAL A 242 4.81 33.95 -8.38
N GLU A 243 5.87 33.70 -9.14
CA GLU A 243 5.95 34.25 -10.48
C GLU A 243 4.87 33.67 -11.39
N ALA A 244 4.66 32.34 -11.32
CA ALA A 244 3.59 31.72 -12.07
C ALA A 244 2.25 32.33 -11.73
N VAL A 245 2.01 32.62 -10.44
CA VAL A 245 0.71 33.15 -10.08
C VAL A 245 0.57 34.59 -10.57
N ARG A 246 1.68 35.32 -10.72
CA ARG A 246 1.57 36.69 -11.21
C ARG A 246 1.15 36.69 -12.68
N ARG A 247 1.81 35.85 -13.49
CA ARG A 247 1.47 35.76 -14.91
C ARG A 247 0.05 35.24 -15.12
N ARG A 248 -0.37 34.27 -14.31
CA ARG A 248 -1.75 33.78 -14.40
C ARG A 248 -2.74 34.91 -14.13
N ASP A 249 -2.47 35.72 -13.10
CA ASP A 249 -3.39 36.81 -12.74
C ASP A 249 -3.46 37.90 -13.81
N ALA A 250 -2.42 38.01 -14.64
CA ALA A 250 -2.34 38.99 -15.71
C ALA A 250 -2.81 38.47 -17.07
N ALA A 251 -3.17 37.19 -17.18
CA ALA A 251 -3.63 36.62 -18.44
C ALA A 251 -5.12 36.87 -18.63
N ARG A 252 -5.54 36.86 -19.91
CA ARG A 252 -6.97 37.04 -20.24
C ARG A 252 -7.82 35.93 -19.67
N THR A 253 -7.23 34.75 -19.46
CA THR A 253 -7.93 33.56 -19.02
C THR A 253 -7.56 33.24 -17.58
N ARG A 254 -8.53 32.75 -16.81
CA ARG A 254 -8.27 32.36 -15.43
C ARG A 254 -7.96 30.87 -15.39
N THR A 255 -6.69 30.58 -15.56
CA THR A 255 -6.18 29.23 -15.49
C THR A 255 -6.05 28.81 -14.04
N ARG A 256 -6.66 27.69 -13.67
CA ARG A 256 -6.34 27.09 -12.39
C ARG A 256 -4.92 26.53 -12.45
N LEU A 257 -4.17 26.74 -11.37
CA LEU A 257 -2.79 26.31 -11.27
C LEU A 257 -2.67 25.26 -10.19
N GLU A 258 -2.06 24.14 -10.52
CA GLU A 258 -1.79 23.07 -9.58
C GLU A 258 -0.28 22.89 -9.47
N ALA A 259 0.21 22.74 -8.25
CA ALA A 259 1.63 22.45 -8.03
C ALA A 259 1.84 20.96 -7.81
N SER A 260 2.87 20.40 -8.41
CA SER A 260 3.18 18.99 -8.25
C SER A 260 4.68 18.79 -8.29
N GLY A 261 5.15 17.76 -7.57
CA GLY A 261 6.56 17.42 -7.55
C GLY A 261 7.38 18.24 -6.57
N GLY A 262 8.10 17.54 -5.69
CA GLY A 262 8.94 18.23 -4.72
C GLY A 262 8.20 18.79 -3.53
N LEU A 263 7.04 18.24 -3.20
CA LEU A 263 6.20 18.75 -2.11
C LEU A 263 6.34 17.87 -0.89
N THR A 264 6.45 18.51 0.27
CA THR A 264 6.44 17.84 1.55
C THR A 264 5.44 18.56 2.45
N LEU A 265 5.11 17.91 3.56
CA LEU A 265 4.09 18.45 4.43
C LEU A 265 4.50 19.81 5.02
N ASP A 266 5.79 20.01 5.28
CA ASP A 266 6.22 21.27 5.89
C ASP A 266 6.06 22.44 4.92
N VAL A 267 6.64 22.33 3.72
CA VAL A 267 6.54 23.39 2.72
C VAL A 267 5.12 23.60 2.21
N ALA A 268 4.16 22.75 2.62
CA ALA A 268 2.83 22.82 2.04
C ALA A 268 2.19 24.18 2.27
N ALA A 269 2.31 24.73 3.47
CA ALA A 269 1.69 26.02 3.73
C ALA A 269 2.40 27.13 2.97
N ALA A 270 3.72 27.05 2.82
CA ALA A 270 4.42 28.03 2.01
C ALA A 270 3.90 28.03 0.57
N TYR A 271 3.68 26.84 0.00
CA TYR A 271 3.16 26.76 -1.36
C TYR A 271 1.75 27.29 -1.43
N ALA A 272 0.89 26.83 -0.53
CA ALA A 272 -0.49 27.30 -0.53
C ALA A 272 -0.54 28.83 -0.46
N ARG A 273 0.46 29.45 0.16
CA ARG A 273 0.45 30.89 0.35
C ARG A 273 0.69 31.65 -0.94
N THR A 274 1.46 31.07 -1.88
CA THR A 274 1.72 31.72 -3.15
C THR A 274 0.46 32.03 -3.95
N GLY A 275 -0.66 31.38 -3.66
CA GLY A 275 -1.88 31.58 -4.41
C GLY A 275 -2.19 30.53 -5.46
N VAL A 276 -1.39 29.47 -5.58
CA VAL A 276 -1.79 28.35 -6.43
C VAL A 276 -3.06 27.73 -5.85
N ASP A 277 -3.84 27.08 -6.69
CA ASP A 277 -5.18 26.66 -6.30
C ASP A 277 -5.22 25.24 -5.76
N LEU A 278 -4.32 24.38 -6.24
CA LEU A 278 -4.35 22.95 -5.97
C LEU A 278 -2.94 22.48 -5.67
N LEU A 279 -2.83 21.48 -4.80
CA LEU A 279 -1.58 20.73 -4.67
C LEU A 279 -1.87 19.29 -5.02
N ALA A 280 -1.01 18.70 -5.84
CA ALA A 280 -1.13 17.31 -6.23
C ALA A 280 -0.03 16.54 -5.55
N VAL A 281 -0.41 15.60 -4.69
CA VAL A 281 0.52 14.92 -3.80
C VAL A 281 0.41 13.42 -4.05
N GLY A 282 1.49 12.82 -4.55
CA GLY A 282 1.48 11.38 -4.72
C GLY A 282 1.55 10.63 -3.40
N ALA A 283 2.26 11.19 -2.42
CA ALA A 283 2.45 10.51 -1.14
C ALA A 283 1.14 10.15 -0.46
N LEU A 284 0.03 10.82 -0.81
CA LEU A 284 -1.25 10.50 -0.20
C LEU A 284 -1.62 9.04 -0.41
N THR A 285 -1.29 8.48 -1.57
CA THR A 285 -1.70 7.13 -1.86
C THR A 285 -0.57 6.12 -2.01
N HIS A 286 0.71 6.55 -2.14
CA HIS A 286 1.84 5.62 -2.23
C HIS A 286 2.79 5.66 -1.04
N SER A 287 2.66 6.61 -0.13
CA SER A 287 3.49 6.59 1.08
C SER A 287 2.67 7.08 2.26
N ALA A 288 1.50 6.49 2.43
CA ALA A 288 0.64 6.79 3.56
C ALA A 288 0.89 5.76 4.64
N PRO A 289 1.40 6.14 5.80
CA PRO A 289 1.58 5.14 6.87
C PRO A 289 0.21 4.66 7.34
N ALA A 290 0.11 3.36 7.61
CA ALA A 290 -1.15 2.81 8.09
C ALA A 290 -1.55 3.44 9.43
N LEU A 291 -2.86 3.51 9.67
CA LEU A 291 -3.35 3.88 10.99
C LEU A 291 -3.45 2.61 11.82
N ASP A 292 -3.01 2.68 13.07
CA ASP A 292 -2.97 1.47 13.90
C ASP A 292 -4.35 1.24 14.51
N LEU A 293 -5.14 0.39 13.86
CA LEU A 293 -6.39 -0.11 14.42
C LEU A 293 -6.24 -1.60 14.73
N GLY A 294 -6.92 -2.03 15.78
CA GLY A 294 -6.83 -3.42 16.19
C GLY A 294 -8.21 -3.93 16.56
N LEU A 295 -8.33 -5.25 16.57
CA LEU A 295 -9.58 -5.92 16.88
C LEU A 295 -9.42 -6.70 18.17
N ASP A 296 -10.30 -6.46 19.13
CA ASP A 296 -10.21 -7.12 20.43
C ASP A 296 -11.51 -7.83 20.75
N PHE A 297 -11.39 -9.02 21.31
CA PHE A 297 -12.58 -9.73 21.77
C PHE A 297 -12.99 -9.27 23.15
N ALA A 298 -14.30 -9.11 23.34
CA ALA A 298 -14.83 -8.82 24.67
C ALA A 298 -14.58 -10.02 25.58
N PRO A 299 -14.00 -9.81 26.78
CA PRO A 299 -13.64 -10.87 27.73
C PRO A 299 -14.84 -11.58 28.34
N ALA B 5 -2.45 -12.87 -21.90
CA ALA B 5 -1.26 -13.56 -21.39
C ALA B 5 0.01 -13.06 -22.05
N TRP B 6 1.12 -13.19 -21.34
CA TRP B 6 2.41 -12.71 -21.81
C TRP B 6 3.24 -13.88 -22.33
N SER B 7 4.37 -13.53 -22.93
CA SER B 7 5.23 -14.52 -23.53
C SER B 7 5.70 -15.51 -22.46
N PRO B 8 6.08 -16.72 -22.89
CA PRO B 8 6.58 -17.69 -21.91
C PRO B 8 7.99 -17.39 -21.43
N ALA B 9 8.80 -16.67 -22.21
CA ALA B 9 10.06 -16.17 -21.68
C ALA B 9 9.82 -15.34 -20.41
N THR B 10 8.74 -14.55 -20.41
CA THR B 10 8.38 -13.80 -19.22
C THR B 10 8.01 -14.72 -18.07
N ASP B 11 7.22 -15.76 -18.32
CA ASP B 11 6.94 -16.75 -17.28
C ASP B 11 8.24 -17.34 -16.73
N GLU B 12 9.23 -17.59 -17.59
CA GLU B 12 10.48 -18.16 -17.11
C GLU B 12 11.27 -17.17 -16.27
N ARG B 13 11.34 -15.91 -16.70
CA ARG B 13 12.06 -14.93 -15.89
C ARG B 13 11.42 -14.77 -14.51
N LEU B 14 10.10 -14.89 -14.42
CA LEU B 14 9.43 -14.78 -13.13
C LEU B 14 9.75 -15.98 -12.25
N ARG B 15 9.61 -17.19 -12.79
CA ARG B 15 10.00 -18.38 -12.01
C ARG B 15 11.47 -18.30 -11.57
N ALA B 16 12.35 -17.78 -12.43
CA ALA B 16 13.75 -17.70 -12.04
C ALA B 16 13.97 -16.69 -10.92
N ALA B 17 13.04 -15.77 -10.70
CA ALA B 17 13.19 -14.78 -9.65
C ALA B 17 12.55 -15.22 -8.33
N GLY B 18 11.71 -16.24 -8.34
CA GLY B 18 10.99 -16.61 -7.14
C GLY B 18 9.62 -15.99 -7.01
N ILE B 19 9.07 -15.46 -8.11
CA ILE B 19 7.77 -14.78 -8.14
C ILE B 19 6.73 -15.77 -8.66
N ASP B 20 5.62 -15.89 -7.95
CA ASP B 20 4.51 -16.70 -8.46
C ASP B 20 3.90 -16.03 -9.69
N ALA B 21 3.92 -16.72 -10.83
CA ALA B 21 3.51 -16.10 -12.09
C ALA B 21 2.01 -15.92 -12.17
N GLU B 22 1.23 -16.88 -11.66
CA GLU B 22 -0.21 -16.73 -11.64
C GLU B 22 -0.62 -15.48 -10.87
N ASP B 23 -0.11 -15.34 -9.65
CA ASP B 23 -0.44 -14.16 -8.86
C ASP B 23 0.09 -12.88 -9.48
N ALA B 24 1.29 -12.91 -10.06
CA ALA B 24 1.75 -11.70 -10.71
C ALA B 24 0.87 -11.34 -11.91
N ARG B 25 0.33 -12.34 -12.60
CA ARG B 25 -0.57 -12.01 -13.71
C ARG B 25 -1.80 -11.26 -13.22
N ARG B 26 -2.44 -11.78 -12.17
CA ARG B 26 -3.63 -11.13 -11.62
C ARG B 26 -3.34 -9.69 -11.20
N VAL B 27 -2.21 -9.46 -10.54
CA VAL B 27 -1.88 -8.10 -10.13
C VAL B 27 -1.71 -7.21 -11.35
N VAL B 28 -0.93 -7.67 -12.33
CA VAL B 28 -0.63 -6.85 -13.51
C VAL B 28 -1.89 -6.58 -14.31
N VAL B 29 -2.67 -7.62 -14.61
CA VAL B 29 -3.91 -7.44 -15.36
C VAL B 29 -4.86 -6.52 -14.62
N THR B 30 -5.05 -6.75 -13.32
CA THR B 30 -5.92 -5.86 -12.55
C THR B 30 -5.40 -4.43 -12.59
N ALA B 31 -4.10 -4.22 -12.48
CA ALA B 31 -3.57 -2.87 -12.46
C ALA B 31 -3.78 -2.18 -13.80
N LEU B 32 -3.61 -2.91 -14.90
CA LEU B 32 -3.87 -2.32 -16.21
C LEU B 32 -5.34 -1.97 -16.38
N GLU B 33 -6.24 -2.89 -16.01
CA GLU B 33 -7.67 -2.59 -16.08
C GLU B 33 -8.01 -1.28 -15.36
N GLU B 34 -7.37 -1.01 -14.22
CA GLU B 34 -7.65 0.24 -13.51
C GLU B 34 -7.35 1.44 -14.39
N ASP B 35 -6.22 1.43 -15.11
CA ASP B 35 -5.82 2.58 -15.88
C ASP B 35 -6.58 2.69 -17.20
N LEU B 36 -7.11 1.58 -17.72
CA LEU B 36 -7.67 1.53 -19.08
C LEU B 36 -9.19 1.38 -19.15
N ARG B 37 -9.88 1.16 -18.03
CA ARG B 37 -11.32 0.96 -18.09
C ARG B 37 -12.09 2.18 -18.59
N TYR B 38 -11.45 3.36 -18.64
CA TYR B 38 -12.12 4.59 -19.08
C TYR B 38 -11.90 4.92 -20.55
N GLY B 39 -11.17 4.10 -21.29
CA GLY B 39 -10.83 4.38 -22.67
C GLY B 39 -9.34 4.36 -22.92
N ALA B 40 -9.00 4.48 -24.19
CA ALA B 40 -7.61 4.53 -24.59
C ALA B 40 -6.94 5.77 -24.01
N ASP B 41 -5.63 5.84 -24.20
CA ASP B 41 -4.85 6.97 -23.71
C ASP B 41 -5.10 8.14 -24.65
N VAL B 42 -6.08 8.98 -24.29
CA VAL B 42 -6.45 10.11 -25.14
C VAL B 42 -5.25 11.04 -25.34
N THR B 43 -4.50 11.31 -24.26
CA THR B 43 -3.40 12.25 -24.36
C THR B 43 -2.36 11.79 -25.36
N SER B 44 -1.93 10.53 -25.26
CA SER B 44 -0.89 10.06 -26.17
C SER B 44 -1.41 9.90 -27.59
N ASP B 45 -2.66 9.45 -27.75
CA ASP B 45 -3.20 9.30 -29.11
C ASP B 45 -3.31 10.64 -29.83
N ALA B 46 -3.38 11.75 -29.11
CA ALA B 46 -3.47 13.05 -29.76
C ALA B 46 -2.10 13.65 -30.09
N THR B 47 -1.04 13.29 -29.36
CA THR B 47 0.24 13.99 -29.41
C THR B 47 1.44 13.16 -29.84
N VAL B 48 1.35 11.84 -29.82
CA VAL B 48 2.50 10.97 -30.06
C VAL B 48 2.23 10.20 -31.35
N PRO B 49 3.13 10.28 -32.34
CA PRO B 49 2.94 9.52 -33.60
C PRO B 49 2.78 8.03 -33.35
N ALA B 50 1.89 7.39 -34.12
CA ALA B 50 1.60 5.98 -33.90
C ALA B 50 2.80 5.08 -34.20
N ASP B 51 3.71 5.53 -35.05
CA ASP B 51 4.89 4.75 -35.41
C ASP B 51 6.07 5.03 -34.50
N ALA B 52 5.96 5.98 -33.58
CA ALA B 52 7.11 6.36 -32.77
C ALA B 52 7.60 5.20 -31.92
N VAL B 53 8.93 5.16 -31.74
CA VAL B 53 9.62 4.13 -30.99
C VAL B 53 10.68 4.85 -30.19
N THR B 54 10.88 4.45 -28.94
CA THR B 54 11.81 5.20 -28.11
C THR B 54 12.50 4.30 -27.10
N GLU B 55 13.70 4.70 -26.72
CA GLU B 55 14.41 4.11 -25.62
C GLU B 55 14.03 4.85 -24.34
N ALA B 56 13.82 4.09 -23.27
CA ALA B 56 13.42 4.65 -21.99
C ALA B 56 14.32 4.10 -20.90
N VAL B 57 14.57 4.92 -19.89
CA VAL B 57 15.39 4.50 -18.76
C VAL B 57 14.55 4.59 -17.50
N VAL B 58 14.57 3.51 -16.71
CA VAL B 58 14.11 3.54 -15.32
C VAL B 58 15.32 3.84 -14.44
N ALA B 59 15.22 4.89 -13.63
CA ALA B 59 16.31 5.22 -12.72
C ALA B 59 15.72 5.78 -11.43
N SER B 60 16.49 5.68 -10.36
CA SER B 60 16.01 6.09 -9.05
C SER B 60 16.51 7.48 -8.72
N ARG B 61 15.61 8.33 -8.24
CA ARG B 61 15.98 9.60 -7.68
C ARG B 61 16.53 9.48 -6.26
N GLN B 62 16.45 8.31 -5.65
CA GLN B 62 16.81 8.10 -4.26
C GLN B 62 17.57 6.80 -4.13
N PRO B 63 18.38 6.66 -3.08
CA PRO B 63 19.06 5.39 -2.83
C PRO B 63 18.13 4.38 -2.17
N GLY B 64 18.36 3.10 -2.46
CA GLY B 64 17.55 2.06 -1.89
C GLY B 64 17.87 0.72 -2.54
N VAL B 65 17.00 -0.25 -2.28
CA VAL B 65 17.11 -1.58 -2.85
C VAL B 65 16.03 -1.75 -3.91
N LEU B 66 16.42 -2.31 -5.05
CA LEU B 66 15.52 -2.55 -6.15
C LEU B 66 14.72 -3.84 -5.93
N ALA B 67 13.42 -3.78 -6.15
CA ALA B 67 12.66 -5.02 -6.28
C ALA B 67 11.49 -4.77 -7.21
N GLY B 68 11.09 -5.83 -7.93
CA GLY B 68 9.96 -5.79 -8.82
C GLY B 68 10.29 -5.70 -10.30
N LEU B 69 11.58 -5.69 -10.66
CA LEU B 69 11.95 -5.50 -12.07
C LEU B 69 11.42 -6.60 -12.98
N PRO B 70 11.44 -7.88 -12.62
CA PRO B 70 10.80 -8.88 -13.50
C PRO B 70 9.31 -8.64 -13.70
N VAL B 71 8.62 -8.10 -12.69
CA VAL B 71 7.19 -7.82 -12.83
C VAL B 71 6.96 -6.59 -13.73
N ALA B 72 7.75 -5.54 -13.53
CA ALA B 72 7.61 -4.38 -14.43
C ALA B 72 7.79 -4.81 -15.89
N LEU B 73 8.76 -5.68 -16.17
CA LEU B 73 8.96 -6.16 -17.54
C LEU B 73 7.76 -6.96 -18.02
N ALA B 74 7.17 -7.76 -17.15
CA ALA B 74 5.98 -8.48 -17.54
C ALA B 74 4.87 -7.52 -17.98
N VAL B 75 4.77 -6.35 -17.34
CA VAL B 75 3.78 -5.36 -17.76
C VAL B 75 4.08 -4.90 -19.18
N LEU B 76 5.33 -4.52 -19.42
CA LEU B 76 5.76 -4.13 -20.76
C LEU B 76 5.52 -5.25 -21.77
N ASP B 77 5.81 -6.50 -21.39
CA ASP B 77 5.54 -7.61 -22.31
C ASP B 77 4.06 -7.67 -22.69
N LEU B 78 3.17 -7.59 -21.71
CA LEU B 78 1.73 -7.61 -21.99
C LEU B 78 1.34 -6.49 -22.93
N VAL B 79 1.67 -5.25 -22.55
CA VAL B 79 1.19 -4.09 -23.30
C VAL B 79 1.73 -4.09 -24.73
N THR B 80 2.92 -4.66 -24.96
CA THR B 80 3.54 -4.61 -26.28
C THR B 80 3.35 -5.89 -27.09
N GLY B 81 2.64 -6.88 -26.56
CA GLY B 81 2.68 -8.20 -27.18
C GLY B 81 4.07 -8.74 -27.47
N GLY B 82 5.03 -8.45 -26.60
CA GLY B 82 6.38 -8.94 -26.81
C GLY B 82 7.30 -8.03 -27.60
N ARG B 83 6.78 -6.96 -28.22
CA ARG B 83 7.61 -6.12 -29.08
C ARG B 83 8.33 -5.07 -28.23
N PHE B 84 9.34 -5.52 -27.50
CA PHE B 84 10.24 -4.63 -26.80
C PHE B 84 11.61 -5.27 -26.75
N GLU B 85 12.60 -4.53 -26.26
CA GLU B 85 13.94 -5.10 -26.19
C GLU B 85 14.74 -4.41 -25.10
N VAL B 86 15.33 -5.20 -24.22
CA VAL B 86 16.02 -4.68 -23.05
C VAL B 86 17.49 -4.53 -23.41
N ALA B 87 18.06 -3.37 -23.09
CA ALA B 87 19.49 -3.16 -23.30
C ALA B 87 20.31 -3.40 -22.05
N GLU B 88 19.70 -3.32 -20.87
CA GLU B 88 20.46 -3.29 -19.63
C GLU B 88 19.48 -3.51 -18.50
N CYS B 89 19.90 -4.22 -17.46
CA CYS B 89 19.05 -4.36 -16.27
C CYS B 89 19.89 -4.76 -15.08
N ARG B 90 19.59 -4.14 -13.95
CA ARG B 90 20.04 -4.64 -12.67
C ARG B 90 19.13 -5.78 -12.21
N ALA B 91 19.53 -6.42 -11.12
CA ALA B 91 18.79 -7.53 -10.54
C ALA B 91 18.09 -7.05 -9.27
N ASP B 92 16.90 -7.58 -9.03
CA ASP B 92 16.23 -7.33 -7.75
C ASP B 92 17.16 -7.64 -6.59
N GLY B 93 17.22 -6.75 -5.62
CA GLY B 93 18.13 -6.87 -4.53
C GLY B 93 19.38 -6.03 -4.67
N ASP B 94 19.65 -5.49 -5.86
CA ASP B 94 20.81 -4.62 -6.02
C ASP B 94 20.53 -3.30 -5.32
N ARG B 95 21.58 -2.71 -4.72
CA ARG B 95 21.49 -1.37 -4.16
C ARG B 95 21.59 -0.34 -5.28
N LEU B 96 20.66 0.59 -5.33
CA LEU B 96 20.72 1.67 -6.29
C LEU B 96 21.07 2.96 -5.56
N GLY B 97 21.73 3.86 -6.28
CA GLY B 97 21.94 5.20 -5.79
C GLY B 97 21.24 6.18 -6.69
N PRO B 98 21.15 7.43 -6.26
CA PRO B 98 20.59 8.47 -7.13
C PRO B 98 21.27 8.43 -8.48
N GLY B 99 20.49 8.27 -9.55
CA GLY B 99 21.00 8.24 -10.89
C GLY B 99 21.19 6.86 -11.49
N ASP B 100 21.23 5.82 -10.67
CA ASP B 100 21.53 4.50 -11.22
C ASP B 100 20.42 4.02 -12.14
N VAL B 101 20.81 3.41 -13.26
CA VAL B 101 19.88 2.92 -14.27
C VAL B 101 19.49 1.49 -13.90
N ALA B 102 18.24 1.31 -13.47
CA ALA B 102 17.79 -0.05 -13.21
C ALA B 102 17.44 -0.80 -14.48
N LEU B 103 17.15 -0.10 -15.56
CA LEU B 103 16.59 -0.72 -16.75
C LEU B 103 16.67 0.27 -17.90
N ARG B 104 16.91 -0.25 -19.11
CA ARG B 104 16.89 0.54 -20.33
C ARG B 104 16.18 -0.31 -21.37
N VAL B 105 15.00 0.13 -21.81
CA VAL B 105 14.21 -0.60 -22.79
C VAL B 105 13.96 0.28 -24.02
N THR B 106 13.69 -0.40 -25.13
CA THR B 106 13.18 0.20 -26.34
C THR B 106 11.85 -0.44 -26.65
N ALA B 107 10.85 0.38 -26.95
CA ALA B 107 9.51 -0.08 -27.29
C ALA B 107 8.79 1.04 -28.01
N ALA B 108 7.63 0.69 -28.59
CA ALA B 108 6.78 1.71 -29.21
C ALA B 108 6.42 2.78 -28.20
N THR B 109 6.55 4.05 -28.60
CA THR B 109 6.38 5.13 -27.64
C THR B 109 5.01 5.09 -26.97
N ARG B 110 3.95 4.87 -27.76
CA ARG B 110 2.63 4.82 -27.17
C ARG B 110 2.48 3.65 -26.21
N GLU B 111 3.14 2.54 -26.49
CA GLU B 111 3.01 1.42 -25.58
C GLU B 111 3.79 1.66 -24.30
N LEU B 112 4.88 2.42 -24.35
CA LEU B 112 5.57 2.78 -23.12
C LEU B 112 4.75 3.73 -22.27
N LEU B 113 4.02 4.66 -22.90
CA LEU B 113 3.25 5.64 -22.15
C LEU B 113 2.00 5.03 -21.53
N VAL B 114 1.51 3.92 -22.06
CA VAL B 114 0.42 3.21 -21.42
C VAL B 114 0.95 2.37 -20.25
N ALA B 115 2.10 1.73 -20.43
CA ALA B 115 2.63 0.81 -19.44
C ALA B 115 3.22 1.51 -18.22
N GLU B 116 3.71 2.74 -18.38
CA GLU B 116 4.75 3.23 -17.47
C GLU B 116 4.24 3.40 -16.04
N ARG B 117 3.00 3.86 -15.88
CA ARG B 117 2.52 4.16 -14.54
C ARG B 117 2.24 2.86 -13.76
N THR B 118 1.71 1.83 -14.44
CA THR B 118 1.58 0.51 -13.83
C THR B 118 2.95 -0.07 -13.47
N MET B 119 3.92 -0.01 -14.40
CA MET B 119 5.28 -0.47 -14.12
C MET B 119 5.85 0.23 -12.90
N LEU B 120 5.76 1.57 -12.85
CA LEU B 120 6.39 2.32 -11.77
C LEU B 120 5.64 2.19 -10.44
N ASN B 121 4.32 2.05 -10.44
CA ASN B 121 3.63 1.82 -9.18
C ASN B 121 4.05 0.50 -8.56
N LEU B 122 4.24 -0.54 -9.39
CA LEU B 122 4.78 -1.79 -8.87
C LEU B 122 6.22 -1.61 -8.41
N LEU B 123 7.05 -1.07 -9.28
CA LEU B 123 8.47 -0.94 -8.98
C LEU B 123 8.70 -0.14 -7.72
N CYS B 124 7.94 0.96 -7.55
CA CYS B 124 8.21 1.87 -6.45
C CYS B 124 7.71 1.31 -5.13
N HIS B 125 6.61 0.57 -5.15
CA HIS B 125 6.14 -0.02 -3.91
C HIS B 125 7.03 -1.17 -3.47
N LEU B 126 7.27 -2.13 -4.37
CA LEU B 126 8.11 -3.25 -4.00
C LEU B 126 9.52 -2.80 -3.64
N SER B 127 10.06 -1.83 -4.37
CA SER B 127 11.39 -1.36 -3.97
C SER B 127 11.32 -0.60 -2.66
N GLY B 128 10.23 0.14 -2.43
CA GLY B 128 10.03 0.74 -1.12
C GLY B 128 10.07 -0.30 -0.01
N VAL B 129 9.38 -1.43 -0.19
CA VAL B 129 9.37 -2.50 0.81
C VAL B 129 10.77 -3.09 0.97
N ALA B 130 11.47 -3.31 -0.14
CA ALA B 130 12.81 -3.90 -0.04
C ALA B 130 13.80 -2.92 0.59
N THR B 131 13.65 -1.63 0.31
CA THR B 131 14.50 -0.61 0.91
C THR B 131 14.30 -0.50 2.41
N LEU B 132 13.06 -0.55 2.88
CA LEU B 132 12.83 -0.44 4.31
C LEU B 132 13.32 -1.69 5.06
N THR B 133 13.12 -2.87 4.47
CA THR B 133 13.61 -4.10 5.09
C THR B 133 15.11 -4.07 5.24
N ALA B 134 15.82 -3.52 4.25
CA ALA B 134 17.27 -3.39 4.31
C ALA B 134 17.72 -2.42 5.40
N ARG B 135 17.01 -1.31 5.59
CA ARG B 135 17.30 -0.45 6.75
C ARG B 135 17.12 -1.21 8.07
N TRP B 136 16.07 -2.00 8.19
CA TRP B 136 15.93 -2.81 9.40
C TRP B 136 17.10 -3.76 9.53
N ASN B 137 17.53 -4.36 8.42
CA ASN B 137 18.64 -5.28 8.47
C ASN B 137 19.94 -4.59 8.89
N ASP B 138 20.13 -3.33 8.50
CA ASP B 138 21.35 -2.61 8.90
C ASP B 138 21.37 -2.35 10.40
N ALA B 139 20.25 -1.89 10.95
CA ALA B 139 20.14 -1.68 12.38
C ALA B 139 20.32 -2.98 13.16
N LEU B 140 20.06 -4.13 12.55
CA LEU B 140 20.27 -5.42 13.21
C LEU B 140 21.64 -5.99 12.93
N ALA B 141 22.47 -5.26 12.21
CA ALA B 141 23.79 -5.77 11.87
C ALA B 141 24.66 -5.77 13.12
N GLY B 142 25.48 -6.81 13.25
CA GLY B 142 26.24 -7.02 14.46
C GLY B 142 25.52 -7.87 15.49
N THR B 143 24.40 -8.48 15.12
CA THR B 143 23.59 -9.30 15.99
C THR B 143 23.23 -10.59 15.27
N HIS B 144 22.71 -11.54 16.03
CA HIS B 144 22.11 -12.74 15.47
C HIS B 144 20.62 -12.57 15.28
N CYS B 145 20.11 -11.37 15.56
CA CYS B 145 18.71 -11.03 15.37
C CYS B 145 18.38 -10.81 13.89
N LYS B 146 17.32 -11.47 13.42
CA LYS B 146 16.81 -11.34 12.06
C LYS B 146 15.47 -10.62 12.07
N VAL B 147 15.10 -10.05 10.92
CA VAL B 147 13.84 -9.33 10.78
C VAL B 147 12.87 -10.17 9.96
N ARG B 148 11.60 -10.17 10.39
CA ARG B 148 10.53 -10.89 9.71
C ARG B 148 9.35 -9.98 9.45
N ASP B 149 8.58 -10.33 8.44
CA ASP B 149 7.36 -9.60 8.11
C ASP B 149 6.16 -10.34 8.73
N SER B 150 4.96 -9.95 8.34
CA SER B 150 3.74 -10.47 8.95
C SER B 150 2.67 -10.56 7.88
N ARG B 151 1.44 -10.77 8.32
CA ARG B 151 0.30 -10.76 7.42
C ARG B 151 -0.34 -9.38 7.32
N LYS B 152 0.29 -8.35 7.89
CA LYS B 152 -0.21 -6.99 7.71
C LYS B 152 0.23 -6.42 6.36
N THR B 153 -0.20 -7.09 5.30
CA THR B 153 0.12 -6.71 3.93
C THR B 153 -1.02 -5.91 3.30
N LEU B 154 -0.72 -5.26 2.16
CA LEU B 154 -1.81 -4.56 1.48
C LEU B 154 -2.63 -5.55 0.65
N PRO B 155 -3.96 -5.40 0.61
CA PRO B 155 -4.81 -6.43 -0.02
C PRO B 155 -4.41 -6.67 -1.47
N GLY B 156 -4.28 -7.95 -1.82
CA GLY B 156 -3.90 -8.32 -3.17
C GLY B 156 -2.41 -8.37 -3.44
N LEU B 157 -1.57 -7.75 -2.60
CA LEU B 157 -0.15 -7.64 -2.87
C LEU B 157 0.71 -8.55 -1.99
N ARG B 158 0.11 -9.50 -1.26
CA ARG B 158 0.88 -10.24 -0.26
C ARG B 158 2.10 -10.91 -0.85
N LEU B 159 1.91 -11.75 -1.87
CA LEU B 159 3.04 -12.55 -2.37
C LEU B 159 4.14 -11.66 -2.93
N LEU B 160 3.77 -10.62 -3.66
CA LEU B 160 4.79 -9.70 -4.17
C LEU B 160 5.50 -8.98 -3.03
N GLU B 161 4.76 -8.63 -1.97
CA GLU B 161 5.38 -7.94 -0.86
C GLU B 161 6.31 -8.86 -0.08
N LYS B 162 5.88 -10.10 0.17
CA LYS B 162 6.77 -11.08 0.79
C LYS B 162 8.05 -11.25 -0.02
N TYR B 163 7.93 -11.29 -1.35
CA TYR B 163 9.10 -11.37 -2.22
C TYR B 163 10.03 -10.19 -2.00
N ALA B 164 9.49 -8.99 -1.92
CA ALA B 164 10.36 -7.83 -1.78
C ALA B 164 11.00 -7.77 -0.39
N VAL B 165 10.32 -8.34 0.63
CA VAL B 165 10.97 -8.48 1.93
C VAL B 165 12.19 -9.39 1.82
N ARG B 166 12.07 -10.47 1.06
CA ARG B 166 13.23 -11.36 0.90
C ARG B 166 14.33 -10.66 0.13
N ARG B 167 13.99 -9.96 -0.96
CA ARG B 167 14.97 -9.17 -1.72
C ARG B 167 15.68 -8.14 -0.85
N GLY B 168 15.05 -7.69 0.22
CA GLY B 168 15.70 -6.72 1.08
C GLY B 168 16.46 -7.34 2.23
N GLY B 169 16.60 -8.66 2.26
CA GLY B 169 17.36 -9.32 3.29
C GLY B 169 16.60 -9.68 4.54
N GLY B 170 15.29 -9.93 4.46
CA GLY B 170 14.49 -10.29 5.59
C GLY B 170 13.85 -11.66 5.37
N GLN B 171 13.25 -12.19 6.42
CA GLN B 171 12.63 -13.50 6.37
C GLN B 171 11.13 -13.36 6.26
N ASN B 172 10.50 -14.33 5.61
CA ASN B 172 9.06 -14.40 5.59
C ASN B 172 8.56 -15.19 6.78
N HIS B 173 7.54 -14.65 7.43
CA HIS B 173 6.72 -15.41 8.35
C HIS B 173 5.76 -16.28 7.55
N ARG B 174 4.70 -16.78 8.15
CA ARG B 174 3.74 -17.59 7.43
C ARG B 174 2.98 -16.75 6.39
N LEU B 175 2.43 -17.42 5.39
CA LEU B 175 1.78 -16.74 4.27
C LEU B 175 0.29 -16.59 4.41
N GLY B 176 -0.36 -17.38 5.26
CA GLY B 176 -1.78 -17.28 5.45
C GLY B 176 -2.17 -17.93 6.75
N LEU B 177 -3.48 -18.14 6.90
CA LEU B 177 -3.97 -18.75 8.13
C LEU B 177 -3.71 -20.24 8.21
N GLY B 178 -3.40 -20.89 7.10
CA GLY B 178 -3.39 -22.34 7.09
C GLY B 178 -2.04 -23.03 7.06
N ASP B 179 -0.93 -22.27 6.96
CA ASP B 179 0.38 -22.89 6.79
C ASP B 179 1.20 -22.99 8.08
N ALA B 180 0.79 -22.31 9.14
CA ALA B 180 1.47 -22.44 10.43
C ALA B 180 0.50 -22.09 11.53
N ILE B 181 0.84 -22.53 12.75
CA ILE B 181 0.06 -22.19 13.94
C ILE B 181 0.67 -20.95 14.56
N LEU B 182 -0.19 -20.02 14.95
CA LEU B 182 0.20 -18.85 15.72
C LEU B 182 -0.96 -18.52 16.65
N ILE B 183 -0.78 -18.80 17.94
CA ILE B 183 -1.83 -18.59 18.95
C ILE B 183 -1.76 -17.14 19.42
N LYS B 184 -2.76 -16.33 19.06
CA LYS B 184 -2.77 -14.92 19.38
C LYS B 184 -3.60 -14.62 20.63
N ASP B 185 -3.67 -13.33 20.99
CA ASP B 185 -4.41 -12.91 22.17
C ASP B 185 -5.88 -13.26 22.07
N ASN B 186 -6.48 -13.12 20.89
CA ASN B 186 -7.90 -13.41 20.76
C ASN B 186 -8.20 -14.90 20.88
N HIS B 187 -7.25 -15.77 20.48
CA HIS B 187 -7.45 -17.20 20.75
C HIS B 187 -7.44 -17.49 22.23
N ILE B 188 -6.64 -16.75 22.98
CA ILE B 188 -6.55 -16.94 24.42
C ILE B 188 -7.80 -16.39 25.11
N VAL B 189 -8.27 -15.21 24.69
CA VAL B 189 -9.51 -14.66 25.24
C VAL B 189 -10.65 -15.64 25.04
N ALA B 190 -10.86 -16.08 23.79
CA ALA B 190 -11.89 -17.05 23.44
C ALA B 190 -11.59 -18.44 23.97
N GLY B 191 -10.51 -18.59 24.74
CA GLY B 191 -10.12 -19.91 25.19
C GLY B 191 -9.36 -19.92 26.48
N GLY B 192 -9.91 -19.27 27.51
CA GLY B 192 -9.37 -19.33 28.86
C GLY B 192 -7.95 -18.85 29.09
N SER B 193 -6.95 -19.66 28.72
CA SER B 193 -5.57 -19.44 29.16
C SER B 193 -4.58 -19.69 28.02
N ALA B 194 -3.40 -19.05 28.14
CA ALA B 194 -2.37 -19.20 27.13
C ALA B 194 -1.76 -20.60 27.11
N GLY B 195 -1.50 -21.18 28.29
CA GLY B 195 -0.99 -22.54 28.33
C GLY B 195 -2.01 -23.59 27.90
N ALA B 196 -3.29 -23.37 28.23
CA ALA B 196 -4.33 -24.29 27.79
C ALA B 196 -4.46 -24.28 26.27
N ALA B 197 -4.38 -23.10 25.67
CA ALA B 197 -4.44 -23.00 24.21
C ALA B 197 -3.24 -23.71 23.58
N LEU B 198 -2.06 -23.56 24.19
CA LEU B 198 -0.88 -24.21 23.63
C LEU B 198 -1.06 -25.73 23.64
N GLN B 199 -1.54 -26.27 24.75
CA GLN B 199 -1.69 -27.71 24.86
C GLN B 199 -2.76 -28.24 23.91
N ALA B 200 -3.87 -27.51 23.76
CA ALA B 200 -4.88 -27.88 22.79
C ALA B 200 -4.30 -27.93 21.37
N ALA B 201 -3.50 -26.92 21.00
CA ALA B 201 -2.93 -26.91 19.66
C ALA B 201 -1.94 -28.04 19.45
N ARG B 202 -1.18 -28.40 20.49
CA ARG B 202 -0.26 -29.53 20.39
C ARG B 202 -1.02 -30.85 20.26
N ALA B 203 -2.05 -31.03 21.09
CA ALA B 203 -2.90 -32.20 20.97
C ALA B 203 -3.41 -32.38 19.55
N HIS B 204 -3.82 -31.29 18.90
CA HIS B 204 -4.61 -31.41 17.67
C HIS B 204 -3.77 -31.84 16.47
N THR B 205 -2.61 -31.20 16.25
CA THR B 205 -1.72 -31.60 15.17
C THR B 205 -0.29 -31.67 15.70
N PRO B 206 0.15 -32.84 16.14
CA PRO B 206 1.41 -32.92 16.91
C PRO B 206 2.65 -32.58 16.11
N GLY B 207 2.62 -32.67 14.79
CA GLY B 207 3.83 -32.38 14.03
C GLY B 207 4.03 -30.93 13.71
N LEU B 208 2.98 -30.13 13.92
CA LEU B 208 3.00 -28.72 13.56
C LEU B 208 3.61 -27.89 14.69
N PRO B 209 4.68 -27.12 14.44
CA PRO B 209 5.23 -26.27 15.50
C PRO B 209 4.25 -25.16 15.87
N CYS B 210 4.09 -24.94 17.19
CA CYS B 210 3.18 -23.96 17.76
C CYS B 210 3.98 -22.77 18.23
N GLU B 211 3.77 -21.63 17.60
CA GLU B 211 4.21 -20.36 18.15
C GLU B 211 3.06 -19.77 18.97
N VAL B 212 3.38 -19.28 20.15
CA VAL B 212 2.39 -18.69 21.04
C VAL B 212 2.83 -17.26 21.35
N GLU B 213 1.87 -16.35 21.33
CA GLU B 213 2.13 -14.93 21.54
C GLU B 213 1.63 -14.54 22.93
N VAL B 214 2.53 -13.95 23.74
CA VAL B 214 2.24 -13.61 25.13
C VAL B 214 2.34 -12.10 25.32
N THR B 215 1.56 -11.57 26.26
CA THR B 215 1.53 -10.14 26.53
C THR B 215 2.05 -9.75 27.90
N THR B 216 2.51 -10.72 28.71
CA THR B 216 2.99 -10.44 30.05
C THR B 216 4.13 -11.40 30.36
N LEU B 217 4.94 -11.03 31.36
CA LEU B 217 6.01 -11.92 31.78
C LEU B 217 5.48 -13.16 32.49
N ALA B 218 4.26 -13.07 33.06
CA ALA B 218 3.64 -14.23 33.68
C ALA B 218 3.33 -15.31 32.65
N GLU B 219 2.44 -15.00 31.70
CA GLU B 219 2.18 -15.82 30.52
C GLU B 219 3.45 -16.41 29.93
N LEU B 220 4.53 -15.62 29.88
CA LEU B 220 5.78 -16.13 29.32
C LEU B 220 6.28 -17.32 30.12
N ASP B 221 6.26 -17.21 31.46
CA ASP B 221 6.75 -18.30 32.30
C ASP B 221 5.88 -19.55 32.16
N GLU B 222 4.58 -19.35 31.96
CA GLU B 222 3.66 -20.47 31.88
C GLU B 222 3.88 -21.28 30.60
N VAL B 223 4.09 -20.60 29.47
CA VAL B 223 4.36 -21.37 28.26
C VAL B 223 5.80 -21.83 28.23
N LEU B 224 6.73 -21.09 28.86
CA LEU B 224 8.09 -21.62 29.00
C LEU B 224 8.11 -22.90 29.80
N ALA B 225 7.20 -23.04 30.79
CA ALA B 225 7.14 -24.25 31.62
C ALA B 225 6.68 -25.46 30.81
N LEU B 226 5.73 -25.27 29.88
CA LEU B 226 5.28 -26.27 28.94
C LEU B 226 6.27 -26.47 27.78
N GLY B 227 7.52 -26.04 27.93
CA GLY B 227 8.53 -26.27 26.90
C GLY B 227 8.23 -25.65 25.55
N ALA B 228 7.60 -24.48 25.54
CA ALA B 228 7.11 -23.86 24.32
C ALA B 228 8.14 -23.88 23.20
N ASP B 229 7.73 -24.50 22.09
CA ASP B 229 8.53 -24.54 20.87
C ASP B 229 9.06 -23.15 20.51
N GLU B 230 8.19 -22.14 20.43
CA GLU B 230 8.58 -20.80 20.01
C GLU B 230 7.57 -19.78 20.53
N VAL B 231 8.05 -18.64 21.04
CA VAL B 231 7.21 -17.68 21.73
C VAL B 231 7.35 -16.30 21.11
N MET B 232 6.23 -15.60 20.95
CA MET B 232 6.21 -14.24 20.42
C MET B 232 5.86 -13.26 21.54
N LEU B 233 6.69 -12.24 21.72
CA LEU B 233 6.50 -11.24 22.77
C LEU B 233 5.73 -10.06 22.20
N ASP B 234 4.47 -9.90 22.61
CA ASP B 234 3.61 -8.86 22.07
C ASP B 234 3.75 -7.58 22.92
N ASN B 235 4.37 -6.56 22.34
CA ASN B 235 4.47 -5.23 22.97
C ASN B 235 5.28 -5.26 24.25
N PHE B 236 6.30 -6.10 24.30
CA PHE B 236 7.24 -5.96 25.41
C PHE B 236 8.10 -4.73 25.20
N THR B 237 8.46 -4.08 26.30
CA THR B 237 9.46 -3.03 26.23
C THR B 237 10.83 -3.64 26.00
N VAL B 238 11.80 -2.79 25.68
CA VAL B 238 13.17 -3.28 25.56
C VAL B 238 13.62 -3.95 26.85
N GLU B 239 13.19 -3.40 28.00
CA GLU B 239 13.62 -3.95 29.28
C GLU B 239 12.89 -5.24 29.61
N GLN B 240 11.63 -5.38 29.17
CA GLN B 240 10.93 -6.64 29.35
C GLN B 240 11.49 -7.73 28.43
N CYS B 241 11.95 -7.37 27.22
CA CYS B 241 12.62 -8.38 26.38
C CYS B 241 13.85 -8.91 27.08
N VAL B 242 14.61 -8.02 27.74
CA VAL B 242 15.82 -8.45 28.43
C VAL B 242 15.47 -9.39 29.55
N GLU B 243 14.41 -9.08 30.29
CA GLU B 243 13.94 -10.00 31.32
C GLU B 243 13.47 -11.32 30.71
N ALA B 244 12.70 -11.25 29.63
CA ALA B 244 12.24 -12.45 28.95
C ALA B 244 13.41 -13.32 28.50
N VAL B 245 14.45 -12.70 27.96
CA VAL B 245 15.61 -13.48 27.52
C VAL B 245 16.25 -14.16 28.71
N ARG B 246 16.32 -13.47 29.86
CA ARG B 246 16.89 -14.09 31.05
C ARG B 246 16.04 -15.26 31.52
N ARG B 247 14.72 -15.08 31.61
CA ARG B 247 13.86 -16.19 32.03
C ARG B 247 13.95 -17.37 31.07
N ARG B 248 14.15 -17.10 29.77
CA ARG B 248 14.29 -18.19 28.80
C ARG B 248 15.61 -18.92 28.98
N ASP B 249 16.68 -18.18 29.24
CA ASP B 249 17.98 -18.80 29.46
C ASP B 249 18.00 -19.57 30.78
N ALA B 250 17.25 -19.09 31.78
CA ALA B 250 17.14 -19.80 33.05
C ALA B 250 16.29 -21.05 32.91
N ALA B 251 15.12 -20.92 32.30
CA ALA B 251 14.35 -22.11 31.96
C ALA B 251 15.18 -23.03 31.06
N ARG B 252 14.89 -24.32 31.14
CA ARG B 252 15.75 -25.33 30.52
C ARG B 252 15.64 -25.37 29.00
N THR B 253 14.72 -24.61 28.40
CA THR B 253 14.38 -24.80 27.00
C THR B 253 15.18 -23.89 26.09
N ARG B 254 15.29 -24.34 24.84
CA ARG B 254 15.88 -23.63 23.72
C ARG B 254 14.81 -22.83 22.99
N THR B 255 13.79 -22.39 23.74
CA THR B 255 12.67 -21.65 23.15
C THR B 255 13.17 -20.44 22.37
N ARG B 256 12.68 -20.28 21.14
CA ARG B 256 13.00 -19.11 20.34
C ARG B 256 12.04 -17.97 20.68
N LEU B 257 12.60 -16.77 20.77
CA LEU B 257 11.88 -15.57 21.16
C LEU B 257 11.80 -14.62 19.97
N GLU B 258 10.60 -14.12 19.70
CA GLU B 258 10.37 -13.17 18.63
C GLU B 258 9.62 -12.01 19.27
N ALA B 259 10.09 -10.79 19.02
CA ALA B 259 9.41 -9.60 19.53
C ALA B 259 8.59 -8.98 18.42
N SER B 260 7.42 -8.46 18.78
CA SER B 260 6.59 -7.72 17.83
C SER B 260 5.55 -6.92 18.60
N GLY B 261 5.17 -5.79 18.02
CA GLY B 261 4.27 -4.87 18.67
C GLY B 261 4.76 -3.45 18.51
N GLY B 262 4.28 -2.78 17.47
CA GLY B 262 4.59 -1.38 17.21
C GLY B 262 6.04 -1.03 16.96
N LEU B 263 6.89 -2.03 16.73
CA LEU B 263 8.30 -1.76 16.50
C LEU B 263 8.49 -0.68 15.43
N THR B 264 9.30 0.33 15.75
CA THR B 264 9.71 1.36 14.81
C THR B 264 11.22 1.31 14.60
N LEU B 265 11.66 1.90 13.50
CA LEU B 265 13.07 1.78 13.11
C LEU B 265 13.99 2.44 14.12
N ASP B 266 13.60 3.60 14.68
CA ASP B 266 14.48 4.30 15.62
C ASP B 266 14.78 3.50 16.90
N VAL B 267 13.95 2.53 17.28
CA VAL B 267 14.23 1.66 18.41
C VAL B 267 14.66 0.27 17.95
N ALA B 268 14.85 0.07 16.64
CA ALA B 268 15.18 -1.25 16.12
C ALA B 268 16.52 -1.74 16.62
N ALA B 269 17.55 -0.89 16.53
CA ALA B 269 18.89 -1.33 16.91
C ALA B 269 18.94 -1.65 18.40
N ALA B 270 18.17 -0.92 19.22
CA ALA B 270 18.07 -1.25 20.64
C ALA B 270 17.45 -2.62 20.83
N TYR B 271 16.28 -2.86 20.24
CA TYR B 271 15.59 -4.13 20.42
C TYR B 271 16.44 -5.32 20.00
N ALA B 272 17.25 -5.16 18.95
CA ALA B 272 18.13 -6.23 18.49
C ALA B 272 19.19 -6.60 19.50
N ARG B 273 19.40 -5.78 20.53
CA ARG B 273 20.46 -6.03 21.48
C ARG B 273 19.92 -6.44 22.84
N THR B 274 18.70 -6.94 22.86
CA THR B 274 18.12 -7.58 24.03
C THR B 274 18.35 -9.08 24.05
N GLY B 275 18.82 -9.67 22.94
CA GLY B 275 19.02 -11.09 22.85
C GLY B 275 17.85 -11.89 22.30
N VAL B 276 16.73 -11.24 21.97
CA VAL B 276 15.70 -11.95 21.23
C VAL B 276 16.26 -12.39 19.88
N ASP B 277 15.61 -13.39 19.28
CA ASP B 277 16.13 -13.97 18.04
C ASP B 277 15.52 -13.33 16.79
N LEU B 278 14.30 -12.82 16.87
CA LEU B 278 13.59 -12.31 15.71
C LEU B 278 12.80 -11.06 16.09
N LEU B 279 12.61 -10.18 15.11
CA LEU B 279 11.68 -9.06 15.23
C LEU B 279 10.67 -9.16 14.08
N ALA B 280 9.39 -9.25 14.41
CA ALA B 280 8.34 -9.23 13.40
C ALA B 280 7.85 -7.80 13.27
N VAL B 281 7.98 -7.23 12.08
CA VAL B 281 7.72 -5.81 11.84
C VAL B 281 6.66 -5.70 10.77
N GLY B 282 5.45 -5.30 11.17
CA GLY B 282 4.40 -5.02 10.19
C GLY B 282 4.72 -3.86 9.27
N ALA B 283 5.45 -2.85 9.77
CA ALA B 283 5.77 -1.70 8.95
C ALA B 283 6.42 -2.07 7.63
N LEU B 284 7.14 -3.20 7.57
CA LEU B 284 7.77 -3.58 6.33
C LEU B 284 6.78 -3.57 5.19
N THR B 285 5.56 -4.03 5.45
CA THR B 285 4.58 -4.21 4.39
C THR B 285 3.42 -3.23 4.41
N HIS B 286 3.02 -2.69 5.56
CA HIS B 286 1.88 -1.77 5.56
C HIS B 286 2.27 -0.30 5.62
N SER B 287 3.56 0.02 5.81
CA SER B 287 4.01 1.40 6.00
C SER B 287 5.37 1.61 5.38
N ALA B 288 5.62 0.97 4.25
CA ALA B 288 6.90 1.15 3.56
C ALA B 288 6.80 2.33 2.62
N PRO B 289 7.59 3.38 2.81
CA PRO B 289 7.52 4.51 1.87
C PRO B 289 7.99 4.08 0.49
N ALA B 290 7.28 4.54 -0.53
CA ALA B 290 7.65 4.22 -1.91
C ALA B 290 9.04 4.78 -2.25
N LEU B 291 9.81 4.00 -3.02
CA LEU B 291 11.10 4.47 -3.50
C LEU B 291 10.89 5.26 -4.80
N ASP B 292 11.46 6.46 -4.87
CA ASP B 292 11.23 7.35 -6.01
C ASP B 292 12.04 6.86 -7.21
N LEU B 293 11.35 6.23 -8.16
CA LEU B 293 11.91 5.82 -9.44
C LEU B 293 11.06 6.45 -10.54
N GLY B 294 11.71 6.86 -11.63
CA GLY B 294 11.00 7.43 -12.75
C GLY B 294 11.40 6.75 -14.05
N LEU B 295 10.57 6.97 -15.07
CA LEU B 295 10.81 6.47 -16.41
C LEU B 295 11.00 7.67 -17.35
N ASP B 296 12.18 7.79 -17.93
CA ASP B 296 12.57 8.95 -18.73
C ASP B 296 12.88 8.54 -20.15
N PHE B 297 12.48 9.35 -21.11
CA PHE B 297 12.71 9.02 -22.52
C PHE B 297 14.02 9.63 -23.00
N ALA B 298 14.59 9.00 -24.03
CA ALA B 298 15.81 9.48 -24.69
C ALA B 298 15.79 10.97 -25.03
#